data_1B6H
#
_entry.id   1B6H
#
_cell.length_a   109.680
_cell.length_b   75.770
_cell.length_c   70.250
_cell.angle_alpha   90.00
_cell.angle_beta   90.00
_cell.angle_gamma   90.00
#
_symmetry.space_group_name_H-M   'P 21 21 21'
#
loop_
_entity.id
_entity.type
_entity.pdbx_description
1 polymer 'Periplasmic oligopeptide-binding protein'
2 polymer 'LYS-NVA-LYS PEPTIDE'
3 non-polymer 'URANIUM ATOM'
4 water water
#
loop_
_entity_poly.entity_id
_entity_poly.type
_entity_poly.pdbx_seq_one_letter_code
_entity_poly.pdbx_strand_id
1 'polypeptide(L)'
;ADVPAGVQLADKQTLVRNNGSEVQSLDPHKIEGVPESNVSRDLFEGLLISDVEGHPSPGVAEKWENKDFKVWTFHLRENA
KWSDGTPVTAHDFVYSWQRLADPNTASPYASYLQYGHIANIDDIIAGKKPATDLGVKALDDHTFEVTLSEPVPYFYKLLV
HPSVSPVPKSAVEKFGDKWTQPANIVTNGAYKLKNWVVNERIVLERNPQYWDNAKTVINQVTYLPISSEVTDVNRYRSGE
IDMTYNNMPIELFQKLKKEIPNEVRVDPYLCTYYYEINNQKAPFNDVRVRTALKLALDRDIIVNKVKNQGDLPAYSYTPP
YTDGAKLVEPEWFKWSQQKRNEEAKKLLAEAGFTADKPLTFDLLYNTSDLHKKLAIAVASIWKKNLGVNVNLENQEWKTF
LDTRHQGTFDVARAGWCADYNEPTSFLNTMLSDSSNNTAHYKSPAFDKLIADTLKVADDTQRSELYAKAEQQLDKDSAIV
PVYYYVNARLVKPWVGGYTGKDPLDNIYVKNLYIIKH
;
A
2 'polypeptide(L)' K(NVA)K B
#
# COMPACT_ATOMS: atom_id res chain seq x y z
N ALA A 1 9.69 7.45 20.58
CA ALA A 1 11.06 7.04 20.18
C ALA A 1 11.83 6.54 21.38
N ASP A 2 12.73 5.58 21.17
CA ASP A 2 13.57 5.09 22.28
C ASP A 2 15.01 5.48 21.99
N VAL A 3 15.44 6.63 22.48
CA VAL A 3 16.82 7.08 22.21
C VAL A 3 17.84 6.31 23.03
N PRO A 4 18.72 5.57 22.38
CA PRO A 4 19.75 4.77 23.02
C PRO A 4 20.58 5.59 24.01
N ALA A 5 20.94 4.99 25.15
CA ALA A 5 21.77 5.67 26.14
C ALA A 5 23.04 6.18 25.47
N GLY A 6 23.50 7.39 25.80
CA GLY A 6 24.72 7.89 25.19
C GLY A 6 24.59 8.67 23.90
N VAL A 7 23.47 8.54 23.19
CA VAL A 7 23.28 9.30 21.97
C VAL A 7 23.06 10.77 22.32
N GLN A 8 23.71 11.65 21.59
CA GLN A 8 23.51 13.08 21.81
C GLN A 8 22.44 13.58 20.83
N LEU A 9 21.38 14.17 21.35
CA LEU A 9 20.34 14.67 20.45
C LEU A 9 20.64 16.07 19.94
N ALA A 10 20.24 16.30 18.70
CA ALA A 10 20.37 17.61 18.10
C ALA A 10 19.48 18.56 18.90
N ASP A 11 19.83 19.86 18.91
CA ASP A 11 18.99 20.83 19.60
C ASP A 11 17.62 20.95 18.92
N LYS A 12 17.64 21.01 17.60
CA LYS A 12 16.46 21.15 16.78
C LYS A 12 16.00 19.76 16.29
N GLN A 13 14.83 19.36 16.77
CA GLN A 13 14.34 18.03 16.39
C GLN A 13 13.31 18.17 15.29
N THR A 14 13.78 18.39 14.07
CA THR A 14 12.88 18.54 12.91
C THR A 14 13.34 17.58 11.81
N LEU A 15 12.38 17.19 10.97
CA LEU A 15 12.67 16.21 9.94
C LEU A 15 11.96 16.61 8.66
N VAL A 16 12.60 16.33 7.54
CA VAL A 16 12.00 16.59 6.23
C VAL A 16 12.06 15.26 5.48
N ARG A 17 10.89 14.77 5.09
CA ARG A 17 10.79 13.52 4.34
C ARG A 17 10.21 13.75 2.97
N ASN A 18 10.74 13.10 1.92
CA ASN A 18 10.05 13.24 0.63
C ASN A 18 8.95 12.16 0.65
N ASN A 19 7.82 12.42 0.01
CA ASN A 19 6.67 11.51 0.14
C ASN A 19 6.14 11.10 -1.23
N GLY A 20 6.93 11.31 -2.27
CA GLY A 20 6.66 10.83 -3.62
C GLY A 20 5.66 11.55 -4.47
N SER A 21 4.61 12.08 -3.92
CA SER A 21 3.53 12.75 -4.59
C SER A 21 2.62 13.49 -3.62
N GLU A 22 1.73 14.30 -4.23
CA GLU A 22 0.73 15.01 -3.44
C GLU A 22 -0.27 13.92 -3.03
N VAL A 23 -0.67 13.94 -1.76
CA VAL A 23 -1.56 12.91 -1.26
C VAL A 23 -2.95 13.01 -1.88
N GLN A 24 -3.61 11.87 -1.94
CA GLN A 24 -5.00 11.85 -2.41
C GLN A 24 -5.84 12.70 -1.44
N SER A 25 -5.60 12.48 -0.14
CA SER A 25 -6.44 13.08 0.90
C SER A 25 -5.76 12.85 2.23
N LEU A 26 -6.22 13.48 3.32
CA LEU A 26 -5.77 13.18 4.66
C LEU A 26 -6.89 12.45 5.43
N ASP A 27 -8.00 12.21 4.74
CA ASP A 27 -9.14 11.49 5.36
C ASP A 27 -8.85 10.02 5.24
N PRO A 28 -8.71 9.31 6.35
CA PRO A 28 -8.41 7.91 6.42
C PRO A 28 -9.30 7.02 5.55
N HIS A 29 -10.55 7.42 5.31
CA HIS A 29 -11.47 6.62 4.51
C HIS A 29 -11.43 6.97 3.04
N LYS A 30 -10.63 7.96 2.62
CA LYS A 30 -10.58 8.28 1.19
C LYS A 30 -9.21 7.96 0.61
N ILE A 31 -8.35 7.22 1.28
CA ILE A 31 -6.97 7.03 0.80
C ILE A 31 -6.66 5.57 0.52
N GLU A 32 -5.66 5.36 -0.36
CA GLU A 32 -5.30 3.95 -0.59
C GLU A 32 -3.83 3.76 -0.87
N GLY A 33 -3.03 4.82 -0.87
CA GLY A 33 -1.64 4.66 -1.30
C GLY A 33 -0.60 4.82 -0.19
N VAL A 34 0.65 4.53 -0.59
CA VAL A 34 1.78 4.66 0.31
C VAL A 34 2.02 6.08 0.78
N PRO A 35 2.01 7.07 -0.08
CA PRO A 35 2.23 8.47 0.33
C PRO A 35 1.14 8.91 1.30
N GLU A 36 -0.08 8.45 1.04
CA GLU A 36 -1.20 8.82 1.92
C GLU A 36 -1.04 8.20 3.30
N SER A 37 -0.67 6.91 3.28
CA SER A 37 -0.54 6.17 4.54
C SER A 37 0.65 6.67 5.33
N ASN A 38 1.68 7.19 4.65
CA ASN A 38 2.84 7.70 5.36
C ASN A 38 2.45 8.86 6.28
N VAL A 39 1.63 9.74 5.76
CA VAL A 39 1.18 10.90 6.56
C VAL A 39 0.12 10.40 7.56
N SER A 40 -0.78 9.52 7.11
CA SER A 40 -1.84 9.04 8.02
C SER A 40 -1.31 8.44 9.30
N ARG A 41 -0.21 7.67 9.26
CA ARG A 41 0.31 7.07 10.49
C ARG A 41 0.73 8.11 11.53
N ASP A 42 1.18 9.30 11.12
CA ASP A 42 1.57 10.32 12.10
C ASP A 42 0.34 11.03 12.69
N LEU A 43 -0.74 11.07 11.92
CA LEU A 43 -1.93 11.78 12.39
C LEU A 43 -3.04 10.97 13.05
N PHE A 44 -3.36 9.79 12.56
CA PHE A 44 -4.49 9.02 13.06
C PHE A 44 -3.97 7.67 13.55
N GLU A 45 -4.38 7.37 14.80
CA GLU A 45 -3.93 6.11 15.38
C GLU A 45 -5.10 5.18 15.67
N GLY A 46 -4.95 3.95 15.16
CA GLY A 46 -5.99 2.95 15.31
C GLY A 46 -5.81 2.09 16.57
N LEU A 47 -6.48 0.94 16.54
CA LEU A 47 -6.45 0.04 17.69
C LEU A 47 -5.05 -0.45 17.99
N LEU A 48 -4.35 -0.90 16.96
CA LEU A 48 -2.97 -1.37 17.09
C LEU A 48 -2.09 -0.50 16.18
N ILE A 49 -0.78 -0.53 16.40
CA ILE A 49 0.18 0.18 15.55
C ILE A 49 1.35 -0.80 15.35
N SER A 50 2.21 -0.52 14.36
CA SER A 50 3.38 -1.37 14.21
C SER A 50 4.45 -0.82 15.15
N ASP A 51 5.27 -1.64 15.77
CA ASP A 51 6.39 -1.10 16.54
C ASP A 51 7.47 -0.72 15.52
N VAL A 52 8.66 -0.38 16.00
CA VAL A 52 9.76 0.04 15.11
C VAL A 52 10.26 -1.06 14.22
N GLU A 53 9.93 -2.33 14.46
CA GLU A 53 10.36 -3.42 13.62
C GLU A 53 9.19 -3.97 12.84
N GLY A 54 7.99 -3.36 12.96
CA GLY A 54 6.85 -3.83 12.21
C GLY A 54 5.89 -4.77 12.92
N HIS A 55 6.14 -5.18 14.15
CA HIS A 55 5.23 -6.10 14.85
C HIS A 55 3.97 -5.34 15.27
N PRO A 56 2.82 -5.94 15.10
CA PRO A 56 1.54 -5.35 15.51
C PRO A 56 1.67 -5.12 17.00
N SER A 57 1.32 -3.96 17.52
CA SER A 57 1.52 -3.65 18.94
C SER A 57 0.42 -2.69 19.36
N PRO A 58 0.31 -2.46 20.65
CA PRO A 58 -0.77 -1.63 21.19
C PRO A 58 -0.80 -0.24 20.60
N GLY A 59 -1.98 0.18 20.16
CA GLY A 59 -2.16 1.55 19.65
C GLY A 59 -3.13 2.19 20.68
N VAL A 60 -4.33 2.56 20.22
CA VAL A 60 -5.34 3.06 21.18
C VAL A 60 -5.73 1.92 22.09
N ALA A 61 -5.81 0.69 21.57
CA ALA A 61 -6.07 -0.48 22.40
C ALA A 61 -4.82 -0.90 23.17
N GLU A 62 -4.91 -0.95 24.52
CA GLU A 62 -3.71 -1.36 25.27
C GLU A 62 -3.65 -2.87 25.41
N LYS A 63 -4.81 -3.52 25.32
CA LYS A 63 -4.85 -4.97 25.39
C LYS A 63 -6.12 -5.46 24.70
N TRP A 64 -6.12 -6.70 24.26
CA TRP A 64 -7.25 -7.27 23.54
C TRP A 64 -7.26 -8.78 23.72
N GLU A 65 -8.46 -9.36 23.54
CA GLU A 65 -8.66 -10.79 23.61
C GLU A 65 -9.52 -11.22 22.42
N ASN A 66 -9.56 -12.52 22.16
CA ASN A 66 -10.47 -13.02 21.13
C ASN A 66 -11.16 -14.29 21.64
N LYS A 67 -12.37 -14.50 21.14
CA LYS A 67 -13.10 -15.72 21.43
C LYS A 67 -13.26 -16.45 20.11
N ASP A 68 -12.62 -17.61 19.98
CA ASP A 68 -12.63 -18.44 18.80
C ASP A 68 -12.20 -17.72 17.52
N PHE A 69 -11.38 -16.66 17.65
CA PHE A 69 -10.96 -15.83 16.53
C PHE A 69 -12.15 -15.18 15.85
N LYS A 70 -13.31 -15.06 16.49
CA LYS A 70 -14.50 -14.51 15.87
C LYS A 70 -14.98 -13.27 16.60
N VAL A 71 -14.79 -13.23 17.94
CA VAL A 71 -15.22 -12.05 18.66
C VAL A 71 -13.98 -11.43 19.29
N TRP A 72 -13.62 -10.23 18.82
CA TRP A 72 -12.41 -9.56 19.30
C TRP A 72 -12.75 -8.39 20.17
N THR A 73 -12.19 -8.36 21.37
CA THR A 73 -12.49 -7.32 22.35
C THR A 73 -11.27 -6.47 22.63
N PHE A 74 -11.38 -5.18 22.34
CA PHE A 74 -10.24 -4.29 22.53
C PHE A 74 -10.46 -3.34 23.70
N HIS A 75 -9.52 -3.37 24.61
CA HIS A 75 -9.57 -2.48 25.79
C HIS A 75 -8.79 -1.22 25.49
N LEU A 76 -9.49 -0.09 25.33
CA LEU A 76 -8.83 1.14 24.95
C LEU A 76 -8.23 1.87 26.16
N ARG A 77 -6.98 2.34 25.98
CA ARG A 77 -6.34 3.05 27.08
C ARG A 77 -7.15 4.25 27.52
N GLU A 78 -7.21 4.44 28.86
CA GLU A 78 -8.03 5.56 29.34
C GLU A 78 -7.53 6.93 29.00
N ASN A 79 -6.25 7.13 28.71
CA ASN A 79 -5.76 8.48 28.40
C ASN A 79 -5.58 8.74 26.92
N ALA A 80 -6.23 7.91 26.06
CA ALA A 80 -6.12 8.17 24.61
C ALA A 80 -6.96 9.42 24.36
N LYS A 81 -6.39 10.44 23.72
CA LYS A 81 -7.08 11.67 23.43
C LYS A 81 -6.85 12.17 22.00
N TRP A 82 -7.78 12.96 21.51
CA TRP A 82 -7.71 13.67 20.26
C TRP A 82 -6.88 14.93 20.51
N SER A 83 -6.48 15.63 19.46
CA SER A 83 -5.64 16.83 19.59
C SER A 83 -6.36 18.01 20.21
N ASP A 84 -7.69 17.98 20.26
CA ASP A 84 -8.43 19.04 20.96
C ASP A 84 -8.61 18.70 22.44
N GLY A 85 -7.98 17.66 22.95
CA GLY A 85 -8.10 17.27 24.33
C GLY A 85 -9.21 16.30 24.68
N THR A 86 -10.13 16.00 23.77
CA THR A 86 -11.22 15.08 24.12
C THR A 86 -10.79 13.65 23.98
N PRO A 87 -11.39 12.76 24.76
CA PRO A 87 -11.06 11.36 24.81
C PRO A 87 -11.35 10.66 23.49
N VAL A 88 -10.50 9.71 23.18
CA VAL A 88 -10.76 8.80 22.05
C VAL A 88 -11.54 7.66 22.71
N THR A 89 -12.71 7.31 22.20
CA THR A 89 -13.52 6.29 22.83
C THR A 89 -13.82 5.19 21.85
N ALA A 90 -14.42 4.11 22.34
CA ALA A 90 -14.91 3.04 21.48
C ALA A 90 -16.00 3.57 20.53
N HIS A 91 -16.75 4.59 20.93
CA HIS A 91 -17.80 5.16 20.09
C HIS A 91 -17.17 5.77 18.83
N ASP A 92 -15.96 6.33 18.97
CA ASP A 92 -15.28 6.83 17.78
C ASP A 92 -14.98 5.72 16.78
N PHE A 93 -14.59 4.55 17.29
CA PHE A 93 -14.28 3.42 16.40
C PHE A 93 -15.54 2.89 15.75
N VAL A 94 -16.65 2.86 16.53
CA VAL A 94 -17.92 2.42 15.98
C VAL A 94 -18.32 3.31 14.81
N TYR A 95 -18.33 4.61 15.04
CA TYR A 95 -18.71 5.54 13.96
C TYR A 95 -17.77 5.38 12.77
N SER A 96 -16.49 5.34 13.07
CA SER A 96 -15.48 5.27 12.01
C SER A 96 -15.61 4.03 11.13
N TRP A 97 -15.71 2.85 11.72
CA TRP A 97 -15.83 1.64 10.91
C TRP A 97 -17.16 1.63 10.16
N GLN A 98 -18.22 2.23 10.75
CA GLN A 98 -19.46 2.29 9.96
C GLN A 98 -19.31 3.21 8.75
N ARG A 99 -18.63 4.34 8.90
CA ARG A 99 -18.41 5.29 7.84
C ARG A 99 -17.55 4.63 6.75
N LEU A 100 -16.55 3.86 7.18
CA LEU A 100 -15.79 3.11 6.17
C LEU A 100 -16.66 2.14 5.37
N ALA A 101 -17.59 1.42 6.03
CA ALA A 101 -18.45 0.45 5.37
C ALA A 101 -19.52 1.05 4.46
N ASP A 102 -19.97 2.25 4.81
CA ASP A 102 -21.07 2.92 4.12
C ASP A 102 -20.70 3.23 2.68
N PRO A 103 -21.50 2.73 1.77
CA PRO A 103 -21.31 2.96 0.33
C PRO A 103 -21.31 4.42 -0.01
N ASN A 104 -22.02 5.28 0.74
CA ASN A 104 -21.98 6.71 0.47
C ASN A 104 -20.59 7.32 0.66
N THR A 105 -19.74 6.70 1.50
CA THR A 105 -18.38 7.22 1.67
C THR A 105 -17.50 6.89 0.47
N ALA A 106 -17.86 5.83 -0.25
CA ALA A 106 -17.15 5.36 -1.43
C ALA A 106 -15.65 5.21 -1.17
N SER A 107 -15.32 4.58 -0.05
CA SER A 107 -13.89 4.41 0.24
C SER A 107 -13.30 3.37 -0.68
N PRO A 108 -12.05 3.59 -1.11
CA PRO A 108 -11.33 2.60 -1.90
C PRO A 108 -11.02 1.39 -1.04
N TYR A 109 -11.05 1.56 0.29
CA TYR A 109 -10.80 0.53 1.26
C TYR A 109 -12.04 0.04 1.99
N ALA A 110 -13.22 0.25 1.39
CA ALA A 110 -14.45 -0.35 1.96
C ALA A 110 -14.30 -1.84 2.15
N SER A 111 -13.70 -2.56 1.19
CA SER A 111 -13.51 -4.00 1.31
C SER A 111 -12.54 -4.46 2.37
N TYR A 112 -11.80 -3.56 3.03
CA TYR A 112 -10.93 -4.00 4.13
C TYR A 112 -11.78 -4.68 5.21
N LEU A 113 -13.04 -4.23 5.38
CA LEU A 113 -13.91 -4.84 6.38
C LEU A 113 -14.40 -6.21 5.90
N GLN A 114 -14.40 -6.49 4.60
CA GLN A 114 -14.67 -7.80 4.07
C GLN A 114 -13.44 -8.69 4.27
N TYR A 115 -12.24 -8.14 4.11
CA TYR A 115 -11.02 -8.90 4.31
C TYR A 115 -10.94 -9.43 5.74
N GLY A 116 -11.42 -8.63 6.70
CA GLY A 116 -11.45 -9.07 8.08
C GLY A 116 -12.74 -9.79 8.43
N HIS A 117 -13.70 -9.84 7.51
CA HIS A 117 -14.97 -10.52 7.68
C HIS A 117 -15.81 -10.04 8.85
N ILE A 118 -15.91 -8.72 9.00
CA ILE A 118 -16.74 -8.15 10.05
C ILE A 118 -18.18 -8.50 9.66
N ALA A 119 -18.97 -8.89 10.66
CA ALA A 119 -20.35 -9.28 10.35
C ALA A 119 -21.14 -8.21 9.62
N ASN A 120 -21.93 -8.69 8.66
CA ASN A 120 -22.85 -7.96 7.81
C ASN A 120 -22.22 -7.03 6.78
N ILE A 121 -20.90 -7.09 6.60
CA ILE A 121 -20.28 -6.13 5.66
C ILE A 121 -20.76 -6.29 4.23
N ASP A 122 -20.90 -7.49 3.70
CA ASP A 122 -21.31 -7.67 2.31
C ASP A 122 -22.63 -6.96 2.03
N ASP A 123 -23.64 -7.20 2.86
CA ASP A 123 -24.93 -6.55 2.76
C ASP A 123 -24.86 -5.03 2.88
N ILE A 124 -23.96 -4.53 3.73
CA ILE A 124 -23.82 -3.09 3.90
C ILE A 124 -23.23 -2.49 2.63
N ILE A 125 -22.14 -3.10 2.15
CA ILE A 125 -21.54 -2.59 0.91
C ILE A 125 -22.55 -2.62 -0.24
N ALA A 126 -23.36 -3.66 -0.29
CA ALA A 126 -24.38 -3.82 -1.33
C ALA A 126 -25.61 -2.96 -1.12
N GLY A 127 -25.72 -2.17 -0.07
CA GLY A 127 -26.85 -1.31 0.20
C GLY A 127 -28.06 -2.04 0.73
N LYS A 128 -27.90 -3.32 1.11
CA LYS A 128 -29.02 -4.11 1.60
C LYS A 128 -29.30 -3.86 3.07
N LYS A 129 -28.28 -3.48 3.82
CA LYS A 129 -28.41 -3.16 5.23
C LYS A 129 -27.70 -1.82 5.45
N PRO A 130 -28.19 -1.07 6.40
CA PRO A 130 -27.60 0.19 6.80
C PRO A 130 -26.25 -0.09 7.45
N ALA A 131 -25.36 0.90 7.42
CA ALA A 131 -24.01 0.76 7.98
C ALA A 131 -24.05 0.48 9.47
N THR A 132 -25.13 0.90 10.16
CA THR A 132 -25.30 0.66 11.58
C THR A 132 -25.52 -0.79 11.91
N ASP A 133 -25.70 -1.70 10.96
CA ASP A 133 -25.78 -3.12 11.23
C ASP A 133 -24.40 -3.76 11.24
N LEU A 134 -23.34 -2.98 11.03
CA LEU A 134 -21.99 -3.58 11.02
C LEU A 134 -21.68 -4.24 12.35
N GLY A 135 -20.99 -5.38 12.34
CA GLY A 135 -20.70 -6.10 13.59
C GLY A 135 -19.63 -5.51 14.49
N VAL A 136 -19.83 -4.29 14.95
CA VAL A 136 -18.98 -3.59 15.87
C VAL A 136 -19.89 -2.90 16.91
N LYS A 137 -19.38 -2.88 18.13
CA LYS A 137 -20.14 -2.13 19.16
C LYS A 137 -19.20 -1.64 20.24
N ALA A 138 -19.56 -0.53 20.87
CA ALA A 138 -18.83 -0.02 22.02
C ALA A 138 -19.56 -0.63 23.25
N LEU A 139 -18.85 -1.43 24.03
CA LEU A 139 -19.50 -2.05 25.21
C LEU A 139 -19.52 -1.01 26.32
N ASP A 140 -18.56 -0.08 26.25
CA ASP A 140 -18.48 1.06 27.12
C ASP A 140 -17.55 2.07 26.41
N ASP A 141 -17.26 3.21 27.03
CA ASP A 141 -16.39 4.17 26.35
C ASP A 141 -15.01 3.60 26.06
N HIS A 142 -14.53 2.62 26.80
CA HIS A 142 -13.15 2.15 26.64
C HIS A 142 -13.05 0.73 26.16
N THR A 143 -14.15 0.21 25.59
CA THR A 143 -14.17 -1.16 25.14
C THR A 143 -14.86 -1.31 23.79
N PHE A 144 -14.06 -1.69 22.78
CA PHE A 144 -14.61 -1.85 21.43
C PHE A 144 -14.65 -3.33 21.08
N GLU A 145 -15.81 -3.86 20.69
CA GLU A 145 -15.97 -5.29 20.41
C GLU A 145 -16.32 -5.53 18.94
N VAL A 146 -15.56 -6.41 18.31
CA VAL A 146 -15.74 -6.64 16.88
C VAL A 146 -16.19 -8.08 16.69
N THR A 147 -17.23 -8.28 15.88
CA THR A 147 -17.75 -9.61 15.67
C THR A 147 -17.60 -10.01 14.19
N LEU A 148 -16.90 -11.08 13.93
CA LEU A 148 -16.68 -11.54 12.57
C LEU A 148 -17.65 -12.67 12.23
N SER A 149 -17.83 -12.89 10.93
CA SER A 149 -18.71 -13.97 10.48
C SER A 149 -18.01 -15.31 10.41
N GLU A 150 -16.69 -15.35 10.56
CA GLU A 150 -15.97 -16.64 10.61
C GLU A 150 -14.64 -16.37 11.29
N PRO A 151 -14.01 -17.40 11.77
CA PRO A 151 -12.75 -17.30 12.49
C PRO A 151 -11.66 -16.76 11.55
N VAL A 152 -11.00 -15.72 12.04
CA VAL A 152 -9.86 -15.08 11.33
C VAL A 152 -8.74 -14.90 12.33
N PRO A 153 -7.82 -15.85 12.41
CA PRO A 153 -6.74 -15.89 13.37
C PRO A 153 -5.75 -14.75 13.26
N TYR A 154 -5.58 -14.23 12.03
CA TYR A 154 -4.72 -13.08 11.79
C TYR A 154 -5.43 -11.74 11.82
N PHE A 155 -6.69 -11.67 12.26
CA PHE A 155 -7.48 -10.46 12.24
C PHE A 155 -6.79 -9.25 12.81
N TYR A 156 -6.17 -9.38 14.00
CA TYR A 156 -5.55 -8.23 14.64
C TYR A 156 -4.44 -7.63 13.77
N LYS A 157 -3.76 -8.40 12.93
CA LYS A 157 -2.72 -7.88 12.05
C LYS A 157 -3.26 -6.82 11.11
N LEU A 158 -4.54 -6.89 10.74
CA LEU A 158 -5.09 -5.89 9.84
C LEU A 158 -5.16 -4.50 10.47
N LEU A 159 -5.25 -4.42 11.78
CA LEU A 159 -5.67 -3.20 12.46
C LEU A 159 -4.71 -2.04 12.50
N VAL A 160 -3.52 -2.20 11.93
CA VAL A 160 -2.61 -1.07 11.83
C VAL A 160 -2.85 -0.17 10.63
N HIS A 161 -3.75 -0.53 9.72
CA HIS A 161 -3.97 0.16 8.44
C HIS A 161 -4.78 1.41 8.59
N PRO A 162 -4.52 2.45 7.83
CA PRO A 162 -5.19 3.74 7.95
C PRO A 162 -6.71 3.64 7.86
N SER A 163 -7.23 2.73 7.03
CA SER A 163 -8.69 2.66 6.86
C SER A 163 -9.43 2.33 8.13
N VAL A 164 -8.80 1.69 9.11
CA VAL A 164 -9.48 1.36 10.38
C VAL A 164 -9.02 2.29 11.52
N SER A 165 -8.43 3.43 11.16
CA SER A 165 -8.14 4.47 12.16
C SER A 165 -9.45 5.22 12.43
N PRO A 166 -9.56 5.82 13.60
CA PRO A 166 -10.73 6.62 13.95
C PRO A 166 -10.71 7.97 13.27
N VAL A 167 -11.87 8.53 12.93
CA VAL A 167 -11.98 9.90 12.43
C VAL A 167 -12.95 10.59 13.40
N PRO A 168 -12.81 11.88 13.54
CA PRO A 168 -13.63 12.66 14.51
C PRO A 168 -14.98 13.03 13.91
N LYS A 169 -16.05 12.38 14.36
CA LYS A 169 -17.39 12.60 13.83
C LYS A 169 -17.81 14.06 13.80
N SER A 170 -17.57 14.79 14.88
CA SER A 170 -18.04 16.18 14.91
C SER A 170 -17.37 17.03 13.85
N ALA A 171 -16.10 16.84 13.56
CA ALA A 171 -15.46 17.63 12.51
C ALA A 171 -15.96 17.18 11.15
N VAL A 172 -16.11 15.88 10.93
CA VAL A 172 -16.58 15.35 9.67
C VAL A 172 -17.97 15.95 9.37
N GLU A 173 -18.84 15.81 10.36
CA GLU A 173 -20.22 16.29 10.18
C GLU A 173 -20.33 17.78 10.03
N LYS A 174 -19.54 18.53 10.78
CA LYS A 174 -19.61 19.98 10.67
C LYS A 174 -18.97 20.53 9.41
N PHE A 175 -17.78 20.04 9.03
CA PHE A 175 -17.07 20.61 7.89
C PHE A 175 -17.09 19.76 6.61
N GLY A 176 -17.67 18.58 6.61
CA GLY A 176 -17.80 17.77 5.41
C GLY A 176 -16.41 17.52 4.79
N ASP A 177 -16.22 17.75 3.50
CA ASP A 177 -14.89 17.50 2.94
C ASP A 177 -13.84 18.53 3.27
N LYS A 178 -14.07 19.55 4.07
CA LYS A 178 -13.01 20.45 4.48
C LYS A 178 -12.58 20.06 5.89
N TRP A 179 -13.06 18.95 6.42
CA TRP A 179 -12.72 18.58 7.79
C TRP A 179 -11.22 18.41 8.00
N THR A 180 -10.48 18.02 6.96
CA THR A 180 -9.05 17.82 7.07
C THR A 180 -8.21 19.07 6.86
N GLN A 181 -8.81 20.25 6.69
CA GLN A 181 -8.05 21.50 6.59
C GLN A 181 -7.48 21.76 7.97
N PRO A 182 -6.35 22.38 8.06
CA PRO A 182 -5.66 22.61 9.32
C PRO A 182 -6.54 23.29 10.36
N ALA A 183 -7.39 24.24 9.94
CA ALA A 183 -8.23 24.94 10.93
C ALA A 183 -9.33 24.06 11.49
N ASN A 184 -9.67 22.96 10.85
CA ASN A 184 -10.79 22.15 11.28
C ASN A 184 -10.45 20.73 11.77
N ILE A 185 -9.34 20.22 11.23
CA ILE A 185 -8.99 18.83 11.53
C ILE A 185 -8.68 18.64 12.99
N VAL A 186 -8.94 17.46 13.48
CA VAL A 186 -8.67 16.95 14.81
C VAL A 186 -8.03 15.56 14.69
N THR A 187 -6.87 15.37 15.31
CA THR A 187 -6.14 14.10 15.13
C THR A 187 -5.78 13.42 16.44
N ASN A 188 -5.52 12.11 16.38
CA ASN A 188 -5.25 11.35 17.59
C ASN A 188 -3.89 10.65 17.53
N GLY A 189 -3.13 10.91 16.45
CA GLY A 189 -1.77 10.30 16.45
C GLY A 189 -0.77 11.20 17.17
N ALA A 190 0.53 10.89 17.00
CA ALA A 190 1.57 11.65 17.68
C ALA A 190 1.68 13.08 17.17
N TYR A 191 1.20 13.37 15.96
CA TYR A 191 1.28 14.67 15.34
C TYR A 191 -0.09 15.30 15.05
N LYS A 192 -0.05 16.59 14.77
CA LYS A 192 -1.19 17.41 14.42
C LYS A 192 -0.85 18.08 13.09
N LEU A 193 -1.84 18.42 12.30
CA LEU A 193 -1.52 19.09 11.02
C LEU A 193 -1.31 20.59 11.25
N LYS A 194 -0.18 21.13 10.82
CA LYS A 194 0.07 22.56 10.97
C LYS A 194 -0.22 23.31 9.68
N ASN A 195 0.33 22.78 8.57
CA ASN A 195 0.18 23.43 7.28
C ASN A 195 -0.01 22.39 6.17
N TRP A 196 -0.80 22.75 5.18
CA TRP A 196 -0.97 21.87 4.01
C TRP A 196 -1.05 22.76 2.77
N VAL A 197 0.05 22.83 2.02
CA VAL A 197 0.10 23.61 0.80
C VAL A 197 0.19 22.61 -0.37
N VAL A 198 -0.92 22.51 -1.10
CA VAL A 198 -0.94 21.52 -2.20
C VAL A 198 0.21 21.72 -3.15
N ASN A 199 0.88 20.60 -3.44
CA ASN A 199 2.03 20.49 -4.32
C ASN A 199 3.25 21.22 -3.78
N GLU A 200 3.28 21.49 -2.48
CA GLU A 200 4.44 22.18 -1.90
C GLU A 200 4.89 21.44 -0.65
N ARG A 201 3.99 21.38 0.34
CA ARG A 201 4.42 20.67 1.55
C ARG A 201 3.29 20.38 2.50
N ILE A 202 3.49 19.38 3.34
CA ILE A 202 2.58 19.10 4.45
C ILE A 202 3.46 19.24 5.70
N VAL A 203 3.08 20.08 6.65
CA VAL A 203 3.92 20.23 7.85
C VAL A 203 3.13 19.74 9.08
N LEU A 204 3.70 18.79 9.79
CA LEU A 204 3.03 18.26 10.97
C LEU A 204 3.78 18.74 12.23
N GLU A 205 3.03 18.99 13.30
CA GLU A 205 3.75 19.36 14.53
C GLU A 205 3.29 18.42 15.65
N ARG A 206 4.17 18.24 16.61
CA ARG A 206 3.86 17.36 17.73
C ARG A 206 2.49 17.62 18.34
N ASN A 207 1.78 16.54 18.67
CA ASN A 207 0.45 16.66 19.28
C ASN A 207 0.61 16.43 20.77
N PRO A 208 0.53 17.45 21.61
CA PRO A 208 0.75 17.32 23.04
C PRO A 208 -0.29 16.47 23.75
N GLN A 209 -1.44 16.27 23.13
CA GLN A 209 -2.49 15.43 23.73
C GLN A 209 -2.25 13.96 23.49
N TYR A 210 -1.35 13.61 22.55
CA TYR A 210 -1.11 12.19 22.27
C TYR A 210 -0.78 11.48 23.57
N TRP A 211 -1.35 10.33 23.81
CA TRP A 211 -1.13 9.56 25.02
C TRP A 211 0.35 9.23 25.27
N ASP A 212 1.10 8.97 24.20
CA ASP A 212 2.51 8.64 24.38
C ASP A 212 3.42 9.80 24.01
N ASN A 213 2.93 11.02 24.09
CA ASN A 213 3.68 12.23 23.76
C ASN A 213 5.02 12.40 24.47
N ALA A 214 5.13 11.97 25.72
CA ALA A 214 6.42 12.09 26.41
C ALA A 214 7.53 11.37 25.68
N LYS A 215 7.28 10.29 24.92
CA LYS A 215 8.31 9.59 24.18
C LYS A 215 8.48 10.12 22.74
N THR A 216 7.70 11.07 22.31
CA THR A 216 7.91 11.68 20.97
C THR A 216 9.12 12.61 21.04
N VAL A 217 9.99 12.56 20.06
CA VAL A 217 11.18 13.39 20.03
C VAL A 217 11.11 14.43 18.93
N ILE A 218 10.74 14.00 17.71
CA ILE A 218 10.69 14.98 16.62
C ILE A 218 9.57 15.98 16.85
N ASN A 219 9.85 17.30 16.80
CA ASN A 219 8.80 18.27 17.06
C ASN A 219 7.98 18.65 15.84
N GLN A 220 8.60 18.53 14.66
CA GLN A 220 7.94 18.86 13.41
C GLN A 220 8.50 17.97 12.30
N VAL A 221 7.60 17.53 11.43
CA VAL A 221 8.07 16.78 10.25
C VAL A 221 7.35 17.39 9.05
N THR A 222 8.07 17.55 7.96
CA THR A 222 7.51 18.08 6.71
C THR A 222 7.54 16.94 5.68
N TYR A 223 6.41 16.76 5.00
CA TYR A 223 6.36 15.74 3.93
C TYR A 223 6.28 16.51 2.62
N LEU A 224 7.18 16.27 1.69
CA LEU A 224 7.17 16.93 0.39
C LEU A 224 6.58 15.99 -0.66
N PRO A 225 6.09 16.57 -1.73
CA PRO A 225 5.38 15.83 -2.78
C PRO A 225 6.19 15.70 -4.05
N ILE A 226 7.46 15.41 -3.97
CA ILE A 226 8.35 15.38 -5.12
C ILE A 226 8.31 14.02 -5.84
N SER A 227 7.83 14.02 -7.08
CA SER A 227 7.70 12.77 -7.83
C SER A 227 8.94 12.44 -8.63
N SER A 228 9.79 13.44 -8.85
CA SER A 228 11.07 13.13 -9.55
C SER A 228 12.02 12.51 -8.53
N GLU A 229 12.46 11.28 -8.73
CA GLU A 229 13.38 10.60 -7.82
C GLU A 229 14.76 11.30 -7.88
N VAL A 230 15.10 11.81 -9.06
CA VAL A 230 16.37 12.56 -9.21
C VAL A 230 16.36 13.81 -8.36
N THR A 231 15.28 14.59 -8.42
CA THR A 231 15.10 15.79 -7.64
C THR A 231 15.10 15.46 -6.16
N ASP A 232 14.44 14.36 -5.78
CA ASP A 232 14.45 13.96 -4.37
C ASP A 232 15.90 13.78 -3.89
N VAL A 233 16.67 12.95 -4.60
CA VAL A 233 18.07 12.73 -4.27
C VAL A 233 18.83 14.05 -4.27
N ASN A 234 18.59 14.91 -5.27
CA ASN A 234 19.30 16.19 -5.29
C ASN A 234 19.01 17.01 -4.03
N ARG A 235 17.76 17.12 -3.61
CA ARG A 235 17.45 17.92 -2.42
C ARG A 235 17.82 17.24 -1.13
N TYR A 236 17.96 15.94 -1.14
CA TYR A 236 18.54 15.19 -0.02
C TYR A 236 20.03 15.59 0.04
N ARG A 237 20.75 15.45 -1.05
CA ARG A 237 22.20 15.74 -1.02
C ARG A 237 22.52 17.19 -0.81
N SER A 238 21.63 18.10 -1.14
CA SER A 238 21.86 19.52 -0.90
C SER A 238 21.71 19.83 0.59
N GLY A 239 21.05 18.95 1.37
CA GLY A 239 20.84 19.20 2.80
C GLY A 239 19.37 19.43 3.13
N GLU A 240 18.50 19.69 2.17
CA GLU A 240 17.10 19.99 2.51
C GLU A 240 16.33 18.78 3.07
N ILE A 241 16.50 17.63 2.45
CA ILE A 241 15.75 16.41 2.76
C ILE A 241 16.54 15.44 3.60
N ASP A 242 15.96 14.98 4.71
CA ASP A 242 16.59 14.04 5.59
C ASP A 242 16.33 12.60 5.17
N MET A 243 15.16 12.34 4.58
CA MET A 243 14.83 10.98 4.18
C MET A 243 14.13 11.03 2.82
N THR A 244 14.73 10.43 1.80
CA THR A 244 14.10 10.48 0.49
C THR A 244 12.85 9.56 0.55
N TYR A 245 12.07 9.67 -0.54
CA TYR A 245 10.96 8.71 -0.68
C TYR A 245 11.63 7.40 -1.11
N ASN A 246 10.96 6.26 -1.12
CA ASN A 246 11.59 5.00 -1.43
C ASN A 246 11.26 4.53 -2.83
N ASN A 247 11.55 5.37 -3.79
CA ASN A 247 11.61 5.18 -5.22
C ASN A 247 13.00 5.73 -5.60
N MET A 248 13.91 4.97 -6.19
CA MET A 248 15.24 5.52 -6.48
C MET A 248 15.45 5.72 -8.00
N PRO A 249 16.12 6.78 -8.39
CA PRO A 249 16.37 7.14 -9.76
C PRO A 249 17.39 6.28 -10.49
N ILE A 250 17.03 5.80 -11.69
CA ILE A 250 17.97 4.96 -12.44
C ILE A 250 19.22 5.76 -12.77
N GLU A 251 19.06 7.06 -13.06
CA GLU A 251 20.20 7.88 -13.41
C GLU A 251 21.34 7.86 -12.40
N LEU A 252 21.00 7.95 -11.11
CA LEU A 252 21.97 8.12 -10.06
C LEU A 252 22.26 6.99 -9.08
N PHE A 253 21.42 5.97 -8.99
CA PHE A 253 21.57 4.96 -7.97
C PHE A 253 22.93 4.28 -7.89
N GLN A 254 23.41 3.78 -9.04
CA GLN A 254 24.71 3.09 -8.98
C GLN A 254 25.75 4.02 -8.35
N LYS A 255 25.77 5.29 -8.76
CA LYS A 255 26.71 6.27 -8.23
C LYS A 255 26.51 6.46 -6.74
N LEU A 256 25.25 6.49 -6.26
CA LEU A 256 25.00 6.67 -4.82
C LEU A 256 25.52 5.55 -3.95
N LYS A 257 25.43 4.31 -4.43
CA LYS A 257 25.97 3.17 -3.69
C LYS A 257 27.47 3.34 -3.51
N LYS A 258 28.15 3.92 -4.51
CA LYS A 258 29.59 4.12 -4.37
C LYS A 258 29.91 5.40 -3.60
N GLU A 259 29.08 6.42 -3.70
CA GLU A 259 29.40 7.68 -3.01
C GLU A 259 28.98 7.76 -1.57
N ILE A 260 27.79 7.23 -1.20
CA ILE A 260 27.35 7.33 0.20
C ILE A 260 26.69 6.03 0.63
N PRO A 261 27.43 4.93 0.59
CA PRO A 261 26.99 3.59 0.88
C PRO A 261 26.21 3.43 2.16
N ASN A 262 26.69 4.08 3.21
CA ASN A 262 26.11 4.07 4.54
C ASN A 262 24.73 4.74 4.59
N GLU A 263 24.41 5.59 3.63
CA GLU A 263 23.12 6.26 3.61
C GLU A 263 22.11 5.56 2.72
N VAL A 264 22.59 4.67 1.85
CA VAL A 264 21.73 3.95 0.93
C VAL A 264 21.15 2.76 1.67
N ARG A 265 19.91 2.86 2.14
CA ARG A 265 19.30 1.76 2.89
C ARG A 265 18.57 0.85 1.92
N VAL A 266 18.84 -0.44 1.92
CA VAL A 266 18.17 -1.38 1.03
C VAL A 266 17.70 -2.55 1.88
N ASP A 267 16.39 -2.74 2.04
CA ASP A 267 15.87 -3.80 2.92
C ASP A 267 14.71 -4.49 2.23
N PRO A 268 14.33 -5.65 2.73
CA PRO A 268 13.22 -6.40 2.16
C PRO A 268 11.95 -5.57 2.17
N TYR A 269 11.07 -5.80 1.22
CA TYR A 269 9.83 -5.00 1.17
C TYR A 269 8.72 -5.85 0.58
N LEU A 270 7.55 -5.92 1.22
CA LEU A 270 6.51 -6.78 0.67
C LEU A 270 5.65 -6.06 -0.36
N CYS A 271 6.25 -5.74 -1.53
CA CYS A 271 5.51 -5.07 -2.57
C CYS A 271 5.84 -5.73 -3.92
N THR A 272 4.91 -5.70 -4.84
CA THR A 272 5.15 -6.24 -6.17
C THR A 272 4.90 -5.17 -7.21
N TYR A 273 5.86 -5.03 -8.11
CA TYR A 273 5.76 -4.11 -9.25
C TYR A 273 5.19 -4.92 -10.41
N TYR A 274 4.14 -4.41 -11.05
CA TYR A 274 3.53 -5.17 -12.14
C TYR A 274 2.84 -4.25 -13.12
N TYR A 275 2.48 -4.77 -14.30
CA TYR A 275 1.66 -3.96 -15.20
C TYR A 275 0.24 -4.49 -15.00
N GLU A 276 -0.65 -3.61 -14.55
CA GLU A 276 -2.03 -3.93 -14.31
C GLU A 276 -2.78 -3.85 -15.64
N ILE A 277 -3.36 -4.97 -16.06
CA ILE A 277 -4.13 -4.97 -17.32
C ILE A 277 -5.58 -4.70 -16.98
N ASN A 278 -6.28 -3.89 -17.77
CA ASN A 278 -7.71 -3.66 -17.50
C ASN A 278 -8.42 -4.87 -18.09
N ASN A 279 -8.78 -5.84 -17.23
CA ASN A 279 -9.33 -7.10 -17.73
C ASN A 279 -10.72 -7.00 -18.33
N GLN A 280 -11.46 -5.93 -18.10
CA GLN A 280 -12.81 -5.88 -18.65
C GLN A 280 -12.89 -5.11 -19.96
N LYS A 281 -11.76 -4.71 -20.52
CA LYS A 281 -11.76 -3.93 -21.74
C LYS A 281 -11.09 -4.65 -22.90
N ALA A 282 -11.87 -4.82 -23.98
CA ALA A 282 -11.34 -5.45 -25.18
C ALA A 282 -10.21 -4.58 -25.72
N PRO A 283 -9.17 -5.17 -26.22
CA PRO A 283 -8.99 -6.61 -26.35
C PRO A 283 -8.32 -7.29 -25.16
N PHE A 284 -8.19 -6.58 -24.04
CA PHE A 284 -7.52 -7.14 -22.87
C PHE A 284 -8.38 -8.14 -22.12
N ASN A 285 -9.62 -8.35 -22.56
CA ASN A 285 -10.50 -9.37 -22.04
C ASN A 285 -10.21 -10.72 -22.70
N ASP A 286 -9.24 -10.75 -23.61
CA ASP A 286 -8.81 -11.96 -24.27
C ASP A 286 -7.61 -12.49 -23.51
N VAL A 287 -7.70 -13.67 -22.89
CA VAL A 287 -6.55 -14.21 -22.16
C VAL A 287 -5.31 -14.36 -22.99
N ARG A 288 -5.46 -14.59 -24.31
CA ARG A 288 -4.31 -14.73 -25.18
C ARG A 288 -3.52 -13.42 -25.25
N VAL A 289 -4.21 -12.31 -25.29
CA VAL A 289 -3.51 -11.03 -25.34
C VAL A 289 -2.80 -10.82 -24.01
N ARG A 290 -3.51 -11.05 -22.89
CA ARG A 290 -2.83 -10.81 -21.60
C ARG A 290 -1.62 -11.72 -21.44
N THR A 291 -1.75 -13.01 -21.78
CA THR A 291 -0.64 -13.94 -21.67
C THR A 291 0.54 -13.55 -22.52
N ALA A 292 0.32 -13.08 -23.76
CA ALA A 292 1.38 -12.65 -24.66
C ALA A 292 2.22 -11.54 -24.05
N LEU A 293 1.49 -10.53 -23.56
CA LEU A 293 2.14 -9.39 -22.88
C LEU A 293 2.93 -9.85 -21.67
N LYS A 294 2.38 -10.73 -20.85
CA LYS A 294 3.08 -11.24 -19.68
C LYS A 294 4.34 -12.00 -20.05
N LEU A 295 4.23 -12.89 -21.08
CA LEU A 295 5.42 -13.64 -21.46
C LEU A 295 6.49 -12.85 -22.19
N ALA A 296 6.13 -11.89 -23.04
CA ALA A 296 7.12 -11.19 -23.86
C ALA A 296 7.93 -10.16 -23.10
N LEU A 297 7.43 -9.76 -21.92
CA LEU A 297 8.22 -8.81 -21.12
C LEU A 297 9.43 -9.57 -20.59
N ASP A 298 10.62 -9.05 -20.79
CA ASP A 298 11.84 -9.70 -20.33
C ASP A 298 12.24 -9.14 -18.97
N ARG A 299 11.84 -9.83 -17.90
CA ARG A 299 12.16 -9.37 -16.55
C ARG A 299 13.64 -9.27 -16.25
N ASP A 300 14.41 -10.19 -16.85
CA ASP A 300 15.86 -10.16 -16.63
C ASP A 300 16.40 -8.84 -17.15
N ILE A 301 15.99 -8.38 -18.32
CA ILE A 301 16.48 -7.10 -18.81
C ILE A 301 16.03 -5.94 -17.90
N ILE A 302 14.76 -5.93 -17.52
CA ILE A 302 14.24 -4.86 -16.66
C ILE A 302 14.93 -4.80 -15.30
N VAL A 303 14.91 -5.95 -14.63
CA VAL A 303 15.42 -6.02 -13.27
C VAL A 303 16.92 -5.93 -13.13
N ASN A 304 17.65 -6.63 -14.00
CA ASN A 304 19.10 -6.64 -13.94
C ASN A 304 19.77 -5.59 -14.82
N LYS A 305 19.22 -5.32 -15.99
CA LYS A 305 19.86 -4.36 -16.90
C LYS A 305 19.36 -2.94 -16.70
N VAL A 306 18.06 -2.73 -16.84
CA VAL A 306 17.49 -1.38 -16.74
C VAL A 306 17.47 -0.80 -15.34
N LYS A 307 16.91 -1.50 -14.37
CA LYS A 307 16.80 -0.95 -13.02
C LYS A 307 18.04 -1.26 -12.19
N ASN A 308 18.33 -2.54 -12.01
CA ASN A 308 19.47 -3.00 -11.27
C ASN A 308 19.65 -2.39 -9.89
N GLN A 309 18.62 -2.48 -9.02
CA GLN A 309 18.70 -1.92 -7.68
C GLN A 309 18.52 -3.01 -6.62
N GLY A 310 18.50 -4.26 -7.05
CA GLY A 310 18.37 -5.41 -6.17
C GLY A 310 17.00 -6.07 -6.22
N ASP A 311 16.10 -5.66 -7.09
CA ASP A 311 14.78 -6.28 -7.17
C ASP A 311 14.89 -7.70 -7.71
N LEU A 312 13.86 -8.49 -7.44
CA LEU A 312 13.89 -9.89 -7.92
C LEU A 312 12.79 -10.06 -8.95
N PRO A 313 13.07 -10.69 -10.07
CA PRO A 313 12.10 -10.94 -11.13
C PRO A 313 10.89 -11.64 -10.54
N ALA A 314 9.70 -11.21 -10.93
CA ALA A 314 8.45 -11.72 -10.36
C ALA A 314 7.64 -12.61 -11.30
N TYR A 315 7.00 -13.61 -10.71
CA TYR A 315 6.17 -14.56 -11.47
C TYR A 315 4.82 -14.70 -10.80
N SER A 316 4.62 -13.90 -9.72
CA SER A 316 3.36 -13.94 -8.98
C SER A 316 2.96 -12.52 -8.51
N TYR A 317 1.79 -12.42 -7.92
CA TYR A 317 1.28 -11.16 -7.38
C TYR A 317 1.75 -11.07 -5.93
N THR A 318 1.38 -12.05 -5.11
CA THR A 318 1.87 -12.09 -3.74
C THR A 318 3.38 -12.31 -3.76
N PRO A 319 4.17 -11.53 -3.05
CA PRO A 319 5.59 -11.73 -2.94
C PRO A 319 5.81 -13.08 -2.28
N PRO A 320 6.74 -13.89 -2.75
CA PRO A 320 7.02 -15.21 -2.24
C PRO A 320 7.48 -15.29 -0.81
N TYR A 321 7.96 -14.19 -0.25
CA TYR A 321 8.45 -14.12 1.10
C TYR A 321 7.45 -13.52 2.06
N THR A 322 6.21 -13.38 1.61
CA THR A 322 5.13 -12.95 2.52
C THR A 322 4.96 -14.12 3.51
N ASP A 323 4.68 -13.82 4.76
CA ASP A 323 4.44 -14.83 5.78
C ASP A 323 3.23 -15.67 5.40
N GLY A 324 3.46 -16.96 5.14
CA GLY A 324 2.33 -17.82 4.76
C GLY A 324 2.35 -18.14 3.26
N ALA A 325 3.29 -17.53 2.52
CA ALA A 325 3.37 -17.77 1.09
C ALA A 325 4.27 -18.97 0.80
N LYS A 326 3.74 -19.94 0.08
CA LYS A 326 4.50 -21.14 -0.31
C LYS A 326 4.13 -21.34 -1.78
N LEU A 327 4.61 -20.44 -2.63
CA LEU A 327 4.15 -20.43 -4.02
C LEU A 327 4.90 -21.35 -4.97
N VAL A 328 4.16 -21.77 -6.01
CA VAL A 328 4.76 -22.62 -7.04
C VAL A 328 5.17 -21.76 -8.24
N GLU A 329 6.45 -21.77 -8.53
CA GLU A 329 7.01 -20.99 -9.64
C GLU A 329 6.55 -21.66 -10.92
N PRO A 330 5.84 -20.93 -11.76
CA PRO A 330 5.27 -21.46 -12.99
C PRO A 330 6.35 -21.87 -13.97
N GLU A 331 6.01 -22.82 -14.85
CA GLU A 331 6.98 -23.32 -15.83
C GLU A 331 7.46 -22.28 -16.81
N TRP A 332 6.60 -21.35 -17.21
CA TRP A 332 7.01 -20.27 -18.11
C TRP A 332 8.13 -19.42 -17.55
N PHE A 333 8.28 -19.33 -16.23
CA PHE A 333 9.30 -18.50 -15.62
C PHE A 333 10.68 -19.11 -15.76
N LYS A 334 10.74 -20.43 -15.94
CA LYS A 334 11.96 -21.18 -16.15
C LYS A 334 12.31 -21.25 -17.65
N TRP A 335 11.35 -21.02 -18.53
CA TRP A 335 11.64 -21.07 -19.96
C TRP A 335 12.72 -20.04 -20.31
N SER A 336 13.17 -20.08 -21.57
CA SER A 336 14.15 -19.06 -21.98
C SER A 336 13.32 -17.85 -22.41
N GLN A 337 13.87 -16.65 -22.53
CA GLN A 337 13.04 -15.53 -23.00
C GLN A 337 12.60 -15.73 -24.45
N GLN A 338 13.47 -16.37 -25.24
CA GLN A 338 13.15 -16.67 -26.64
C GLN A 338 11.93 -17.57 -26.73
N LYS A 339 11.87 -18.59 -25.88
CA LYS A 339 10.72 -19.49 -25.83
C LYS A 339 9.48 -18.76 -25.38
N ARG A 340 9.62 -17.88 -24.38
CA ARG A 340 8.49 -17.06 -23.98
C ARG A 340 8.03 -16.18 -25.17
N ASN A 341 8.97 -15.60 -25.90
CA ASN A 341 8.61 -14.75 -27.05
C ASN A 341 7.83 -15.48 -28.12
N GLU A 342 8.30 -16.67 -28.51
CA GLU A 342 7.56 -17.45 -29.53
C GLU A 342 6.14 -17.73 -29.10
N GLU A 343 5.98 -18.21 -27.86
CA GLU A 343 4.64 -18.50 -27.34
C GLU A 343 3.78 -17.24 -27.39
N ALA A 344 4.34 -16.10 -26.95
CA ALA A 344 3.66 -14.81 -26.98
C ALA A 344 3.20 -14.45 -28.38
N LYS A 345 4.14 -14.49 -29.33
CA LYS A 345 3.82 -14.16 -30.72
C LYS A 345 2.74 -15.08 -31.28
N LYS A 346 2.85 -16.36 -30.97
CA LYS A 346 1.84 -17.36 -31.36
C LYS A 346 0.46 -17.00 -30.85
N LEU A 347 0.35 -16.62 -29.56
CA LEU A 347 -0.93 -16.26 -28.97
C LEU A 347 -1.54 -15.01 -29.56
N LEU A 348 -0.71 -14.00 -29.80
CA LEU A 348 -1.19 -12.76 -30.39
C LEU A 348 -1.64 -13.04 -31.84
N ALA A 349 -0.84 -13.87 -32.53
CA ALA A 349 -1.22 -14.27 -33.90
C ALA A 349 -2.57 -14.98 -33.87
N GLU A 350 -2.80 -15.85 -32.89
CA GLU A 350 -4.07 -16.52 -32.68
C GLU A 350 -5.19 -15.57 -32.30
N ALA A 351 -4.89 -14.45 -31.63
CA ALA A 351 -5.89 -13.48 -31.23
C ALA A 351 -6.33 -12.54 -32.34
N GLY A 352 -5.74 -12.63 -33.53
CA GLY A 352 -6.10 -11.81 -34.66
C GLY A 352 -5.11 -10.72 -35.02
N PHE A 353 -3.98 -10.61 -34.35
CA PHE A 353 -3.03 -9.55 -34.65
C PHE A 353 -1.98 -9.89 -35.69
N THR A 354 -1.73 -8.94 -36.58
CA THR A 354 -0.77 -9.06 -37.66
C THR A 354 0.15 -7.85 -37.80
N ALA A 355 1.05 -7.88 -38.77
CA ALA A 355 1.92 -6.73 -39.05
C ALA A 355 1.08 -5.56 -39.54
N ASP A 356 0.04 -5.83 -40.33
CA ASP A 356 -0.82 -4.80 -40.89
C ASP A 356 -1.83 -4.27 -39.89
N LYS A 357 -2.25 -5.10 -38.94
CA LYS A 357 -3.18 -4.65 -37.90
C LYS A 357 -2.63 -5.13 -36.55
N PRO A 358 -1.58 -4.45 -36.12
CA PRO A 358 -0.85 -4.77 -34.91
C PRO A 358 -1.65 -4.38 -33.68
N LEU A 359 -1.13 -4.79 -32.52
CA LEU A 359 -1.83 -4.43 -31.27
C LEU A 359 -1.16 -3.14 -30.78
N THR A 360 -2.01 -2.15 -30.58
CA THR A 360 -1.56 -0.85 -30.11
C THR A 360 -2.41 -0.42 -28.93
N PHE A 361 -1.74 0.05 -27.87
CA PHE A 361 -2.52 0.44 -26.69
C PHE A 361 -1.73 1.39 -25.78
N ASP A 362 -2.41 1.88 -24.75
CA ASP A 362 -1.71 2.84 -23.87
C ASP A 362 -1.04 2.19 -22.66
N LEU A 363 0.01 2.82 -22.16
CA LEU A 363 0.69 2.37 -20.96
C LEU A 363 0.71 3.61 -20.03
N LEU A 364 -0.19 3.54 -19.08
CA LEU A 364 -0.39 4.66 -18.16
C LEU A 364 0.51 4.54 -16.94
N TYR A 365 1.13 5.66 -16.53
CA TYR A 365 2.00 5.52 -15.35
C TYR A 365 1.90 6.84 -14.57
N ASN A 366 2.18 6.75 -13.26
CA ASN A 366 2.16 8.01 -12.51
C ASN A 366 3.50 8.70 -12.70
N THR A 367 3.49 10.01 -12.97
CA THR A 367 4.68 10.83 -13.15
C THR A 367 5.83 10.43 -12.26
N SER A 368 7.00 10.11 -12.84
CA SER A 368 8.12 9.61 -12.05
C SER A 368 9.29 9.33 -12.99
N ASP A 369 10.52 9.62 -12.58
CA ASP A 369 11.59 9.33 -13.56
C ASP A 369 11.76 7.82 -13.64
N LEU A 370 11.66 7.13 -12.50
CA LEU A 370 11.73 5.69 -12.47
C LEU A 370 10.65 5.00 -13.30
N HIS A 371 9.36 5.32 -13.12
CA HIS A 371 8.34 4.61 -13.89
C HIS A 371 8.42 4.98 -15.37
N LYS A 372 8.80 6.21 -15.68
CA LYS A 372 8.92 6.58 -17.10
C LYS A 372 10.03 5.75 -17.79
N LYS A 373 11.20 5.71 -17.14
CA LYS A 373 12.29 4.89 -17.68
C LYS A 373 11.93 3.42 -17.81
N LEU A 374 11.25 2.86 -16.78
CA LEU A 374 10.79 1.47 -16.90
C LEU A 374 9.77 1.30 -18.01
N ALA A 375 8.83 2.24 -18.14
CA ALA A 375 7.82 2.09 -19.20
C ALA A 375 8.46 2.21 -20.60
N ILE A 376 9.45 3.08 -20.70
CA ILE A 376 10.11 3.23 -22.02
C ILE A 376 10.79 1.90 -22.38
N ALA A 377 11.46 1.27 -21.43
CA ALA A 377 12.14 -0.02 -21.61
C ALA A 377 11.16 -1.13 -21.93
N VAL A 378 10.06 -1.19 -21.18
CA VAL A 378 9.01 -2.17 -21.44
C VAL A 378 8.42 -1.97 -22.83
N ALA A 379 8.19 -0.71 -23.21
CA ALA A 379 7.68 -0.44 -24.56
C ALA A 379 8.64 -0.98 -25.63
N SER A 380 9.93 -0.76 -25.45
CA SER A 380 10.94 -1.20 -26.42
C SER A 380 10.97 -2.73 -26.46
N ILE A 381 10.96 -3.32 -25.28
CA ILE A 381 10.96 -4.79 -25.19
C ILE A 381 9.72 -5.37 -25.84
N TRP A 382 8.54 -4.83 -25.58
CA TRP A 382 7.33 -5.38 -26.17
C TRP A 382 7.30 -5.16 -27.69
N LYS A 383 7.80 -4.02 -28.14
CA LYS A 383 7.84 -3.75 -29.58
C LYS A 383 8.77 -4.76 -30.28
N LYS A 384 9.94 -4.96 -29.74
CA LYS A 384 10.93 -5.87 -30.28
C LYS A 384 10.53 -7.33 -30.20
N ASN A 385 10.10 -7.75 -29.00
CA ASN A 385 9.76 -9.13 -28.75
C ASN A 385 8.41 -9.57 -29.28
N LEU A 386 7.44 -8.68 -29.33
CA LEU A 386 6.10 -9.12 -29.72
C LEU A 386 5.47 -8.31 -30.82
N GLY A 387 6.15 -7.28 -31.32
CA GLY A 387 5.62 -6.40 -32.35
C GLY A 387 4.45 -5.52 -31.92
N VAL A 388 4.36 -5.19 -30.62
CA VAL A 388 3.22 -4.37 -30.15
C VAL A 388 3.66 -2.91 -29.96
N ASN A 389 2.72 -2.02 -30.20
CA ASN A 389 3.02 -0.60 -30.06
C ASN A 389 2.32 -0.03 -28.82
N VAL A 390 3.07 0.71 -27.99
CA VAL A 390 2.38 1.29 -26.83
C VAL A 390 2.62 2.80 -26.82
N ASN A 391 1.62 3.50 -26.34
CA ASN A 391 1.64 4.95 -26.21
C ASN A 391 1.70 5.22 -24.68
N LEU A 392 2.83 5.81 -24.31
CA LEU A 392 3.02 6.11 -22.88
C LEU A 392 2.22 7.31 -22.45
N GLU A 393 1.64 7.27 -21.24
CA GLU A 393 0.88 8.43 -20.76
C GLU A 393 1.20 8.62 -19.26
N ASN A 394 1.63 9.81 -18.84
CA ASN A 394 1.90 9.99 -17.41
C ASN A 394 0.72 10.77 -16.85
N GLN A 395 0.34 10.51 -15.60
CA GLN A 395 -0.69 11.25 -14.91
C GLN A 395 -0.23 11.47 -13.46
N GLU A 396 -0.56 12.63 -12.85
CA GLU A 396 -0.14 12.75 -11.44
C GLU A 396 -0.83 11.68 -10.60
N TRP A 397 -0.21 11.34 -9.46
CA TRP A 397 -0.68 10.26 -8.59
C TRP A 397 -2.16 10.17 -8.31
N LYS A 398 -2.76 11.23 -7.74
CA LYS A 398 -4.19 11.14 -7.42
C LYS A 398 -5.08 10.89 -8.64
N THR A 399 -4.75 11.53 -9.76
CA THR A 399 -5.51 11.35 -11.00
C THR A 399 -5.35 9.92 -11.53
N PHE A 400 -4.10 9.48 -11.52
CA PHE A 400 -3.75 8.12 -11.93
C PHE A 400 -4.54 7.04 -11.21
N LEU A 401 -4.69 7.15 -9.88
CA LEU A 401 -5.48 6.17 -9.16
C LEU A 401 -6.96 6.25 -9.53
N ASP A 402 -7.46 7.48 -9.71
CA ASP A 402 -8.87 7.62 -10.10
C ASP A 402 -9.08 6.99 -11.49
N THR A 403 -8.15 7.21 -12.40
CA THR A 403 -8.27 6.57 -13.73
C THR A 403 -8.35 5.05 -13.63
N ARG A 404 -7.51 4.43 -12.82
CA ARG A 404 -7.53 2.97 -12.70
C ARG A 404 -8.85 2.52 -12.08
N HIS A 405 -9.35 3.24 -11.08
CA HIS A 405 -10.65 2.85 -10.50
C HIS A 405 -11.75 2.99 -11.54
N GLN A 406 -11.67 4.02 -12.35
CA GLN A 406 -12.69 4.26 -13.38
C GLN A 406 -12.70 3.21 -14.47
N GLY A 407 -11.54 2.60 -14.68
CA GLY A 407 -11.35 1.64 -15.75
C GLY A 407 -11.16 2.53 -17.00
N THR A 408 -10.63 3.78 -16.91
CA THR A 408 -10.48 4.49 -18.19
C THR A 408 -9.08 4.28 -18.76
N PHE A 409 -8.72 2.98 -18.90
CA PHE A 409 -7.39 2.60 -19.33
C PHE A 409 -7.26 1.23 -19.97
N ASP A 410 -6.06 1.00 -20.48
CA ASP A 410 -5.68 -0.24 -21.15
C ASP A 410 -4.76 -1.03 -20.23
N VAL A 411 -3.53 -0.55 -20.06
CA VAL A 411 -2.53 -1.15 -19.19
C VAL A 411 -1.94 -0.02 -18.33
N ALA A 412 -1.76 -0.27 -17.03
CA ALA A 412 -1.18 0.72 -16.16
C ALA A 412 -0.02 0.13 -15.35
N ARG A 413 1.00 0.96 -15.11
CA ARG A 413 2.05 0.51 -14.20
C ARG A 413 1.39 0.40 -12.82
N ALA A 414 1.90 -0.52 -11.99
CA ALA A 414 1.26 -0.69 -10.69
C ALA A 414 2.20 -1.28 -9.67
N GLY A 415 1.84 -1.03 -8.40
CA GLY A 415 2.62 -1.58 -7.31
C GLY A 415 1.67 -1.80 -6.14
N TRP A 416 1.67 -3.02 -5.61
CA TRP A 416 0.82 -3.23 -4.41
C TRP A 416 1.78 -3.61 -3.28
N CYS A 417 1.66 -2.95 -2.12
CA CYS A 417 2.39 -3.24 -0.93
C CYS A 417 1.47 -3.81 0.15
N ALA A 418 1.92 -4.82 0.87
CA ALA A 418 1.07 -5.45 1.87
C ALA A 418 0.58 -4.45 2.93
N ASP A 419 -0.64 -4.70 3.42
CA ASP A 419 -1.20 -3.91 4.53
C ASP A 419 -1.05 -4.70 5.84
N TYR A 420 -1.00 -6.02 5.70
CA TYR A 420 -0.70 -6.91 6.83
C TYR A 420 0.11 -8.05 6.22
N ASN A 421 1.01 -8.62 7.00
CA ASN A 421 1.89 -9.66 6.43
C ASN A 421 1.22 -11.04 6.35
N GLU A 422 0.42 -11.25 5.32
CA GLU A 422 -0.29 -12.54 5.13
C GLU A 422 -0.73 -12.50 3.69
N PRO A 423 -0.74 -13.59 2.95
CA PRO A 423 -1.08 -13.63 1.54
C PRO A 423 -2.37 -12.98 1.13
N THR A 424 -3.42 -13.05 1.95
CA THR A 424 -4.69 -12.41 1.60
C THR A 424 -4.59 -10.89 1.54
N SER A 425 -3.58 -10.24 2.13
CA SER A 425 -3.42 -8.81 1.96
C SER A 425 -3.22 -8.44 0.48
N PHE A 426 -2.64 -9.36 -0.29
CA PHE A 426 -2.55 -9.25 -1.73
C PHE A 426 -3.78 -9.90 -2.39
N LEU A 427 -3.99 -11.19 -2.11
CA LEU A 427 -5.03 -11.96 -2.79
C LEU A 427 -6.44 -11.39 -2.71
N ASN A 428 -6.80 -10.78 -1.58
CA ASN A 428 -8.16 -10.23 -1.48
C ASN A 428 -8.44 -9.09 -2.44
N THR A 429 -7.38 -8.43 -2.94
CA THR A 429 -7.58 -7.33 -3.87
C THR A 429 -7.99 -7.82 -5.25
N MET A 430 -7.86 -9.11 -5.56
CA MET A 430 -8.30 -9.62 -6.87
C MET A 430 -9.66 -10.30 -6.79
N LEU A 431 -10.30 -10.21 -5.64
CA LEU A 431 -11.68 -10.74 -5.49
C LEU A 431 -12.58 -9.95 -6.40
N SER A 432 -13.55 -10.60 -7.06
CA SER A 432 -14.41 -9.90 -8.00
C SER A 432 -15.02 -8.62 -7.46
N ASP A 433 -15.50 -8.61 -6.21
CA ASP A 433 -16.13 -7.46 -5.63
C ASP A 433 -15.20 -6.58 -4.78
N SER A 434 -13.89 -6.77 -4.82
CA SER A 434 -13.04 -5.92 -3.98
C SER A 434 -13.01 -4.48 -4.42
N SER A 435 -13.11 -3.56 -3.45
CA SER A 435 -12.98 -2.13 -3.75
C SER A 435 -11.56 -1.81 -4.21
N ASN A 436 -10.56 -2.67 -3.93
CA ASN A 436 -9.20 -2.45 -4.40
C ASN A 436 -8.92 -3.10 -5.75
N ASN A 437 -9.96 -3.69 -6.38
CA ASN A 437 -9.70 -4.39 -7.65
C ASN A 437 -9.70 -3.45 -8.86
N THR A 438 -8.53 -2.82 -9.07
CA THR A 438 -8.33 -1.93 -10.22
C THR A 438 -7.93 -2.72 -11.44
N ALA A 439 -7.69 -4.03 -11.32
CA ALA A 439 -7.42 -4.87 -12.49
C ALA A 439 -8.75 -5.18 -13.17
N HIS A 440 -9.84 -4.97 -12.48
CA HIS A 440 -11.22 -5.25 -12.89
C HIS A 440 -11.35 -6.72 -13.30
N TYR A 441 -10.66 -7.56 -12.55
CA TYR A 441 -10.59 -9.00 -12.71
C TYR A 441 -11.70 -9.67 -11.91
N LYS A 442 -12.43 -10.56 -12.61
CA LYS A 442 -13.57 -11.22 -11.96
C LYS A 442 -13.55 -12.70 -12.31
N SER A 443 -13.10 -13.50 -11.35
CA SER A 443 -13.02 -14.94 -11.48
C SER A 443 -13.70 -15.62 -10.31
N PRO A 444 -14.80 -16.31 -10.63
CA PRO A 444 -15.57 -17.10 -9.69
C PRO A 444 -14.69 -18.20 -9.10
N ALA A 445 -13.82 -18.79 -9.90
CA ALA A 445 -12.89 -19.81 -9.44
C ALA A 445 -11.86 -19.24 -8.45
N PHE A 446 -11.32 -18.06 -8.78
CA PHE A 446 -10.38 -17.42 -7.85
C PHE A 446 -11.13 -17.03 -6.58
N ASP A 447 -12.32 -16.48 -6.69
CA ASP A 447 -13.09 -16.08 -5.52
C ASP A 447 -13.32 -17.26 -4.56
N LYS A 448 -13.70 -18.40 -5.19
CA LYS A 448 -13.94 -19.60 -4.38
C LYS A 448 -12.71 -20.08 -3.64
N LEU A 449 -11.54 -20.06 -4.29
CA LEU A 449 -10.32 -20.50 -3.62
C LEU A 449 -10.06 -19.68 -2.36
N ILE A 450 -10.20 -18.36 -2.42
CA ILE A 450 -9.96 -17.54 -1.24
C ILE A 450 -11.02 -17.70 -0.16
N ALA A 451 -12.28 -17.85 -0.55
CA ALA A 451 -13.36 -18.04 0.41
C ALA A 451 -13.10 -19.33 1.21
N ASP A 452 -12.56 -20.36 0.56
CA ASP A 452 -12.20 -21.61 1.19
C ASP A 452 -11.08 -21.51 2.20
N THR A 453 -10.19 -20.52 2.14
CA THR A 453 -9.11 -20.41 3.09
C THR A 453 -9.56 -20.19 4.52
N LEU A 454 -10.72 -19.64 4.84
CA LEU A 454 -11.10 -19.49 6.25
C LEU A 454 -12.16 -20.54 6.63
N LYS A 455 -12.40 -21.48 5.73
CA LYS A 455 -13.31 -22.60 5.94
C LYS A 455 -12.54 -23.81 6.43
N VAL A 456 -11.21 -23.75 6.34
CA VAL A 456 -10.29 -24.75 6.84
C VAL A 456 -9.68 -24.13 8.12
N ALA A 457 -9.25 -24.94 9.05
CA ALA A 457 -8.66 -24.38 10.28
C ALA A 457 -7.19 -24.77 10.40
N ASP A 458 -6.45 -24.64 9.29
CA ASP A 458 -5.01 -24.88 9.41
C ASP A 458 -4.25 -24.22 8.26
N ASP A 459 -3.03 -23.80 8.64
CA ASP A 459 -2.13 -23.08 7.77
C ASP A 459 -1.66 -23.82 6.55
N THR A 460 -1.40 -25.13 6.59
CA THR A 460 -0.94 -25.79 5.38
C THR A 460 -2.00 -25.85 4.31
N GLN A 461 -3.26 -26.12 4.70
CA GLN A 461 -4.29 -26.13 3.65
C GLN A 461 -4.46 -24.70 3.15
N ARG A 462 -4.42 -23.74 4.10
CA ARG A 462 -4.52 -22.34 3.72
C ARG A 462 -3.42 -21.95 2.73
N SER A 463 -2.17 -22.27 3.03
CA SER A 463 -1.06 -21.95 2.13
C SER A 463 -1.19 -22.60 0.77
N GLU A 464 -1.65 -23.87 0.73
CA GLU A 464 -1.86 -24.53 -0.56
C GLU A 464 -2.93 -23.84 -1.38
N LEU A 465 -3.99 -23.39 -0.71
CA LEU A 465 -5.05 -22.64 -1.36
C LEU A 465 -4.57 -21.29 -1.89
N TYR A 466 -3.68 -20.63 -1.17
CA TYR A 466 -3.14 -19.36 -1.68
C TYR A 466 -2.29 -19.64 -2.93
N ALA A 467 -1.49 -20.72 -2.87
CA ALA A 467 -0.69 -21.12 -4.02
C ALA A 467 -1.60 -21.36 -5.21
N LYS A 468 -2.69 -22.10 -5.04
CA LYS A 468 -3.63 -22.37 -6.12
C LYS A 468 -4.31 -21.10 -6.62
N ALA A 469 -4.61 -20.17 -5.70
CA ALA A 469 -5.23 -18.90 -6.09
C ALA A 469 -4.21 -18.15 -6.95
N GLU A 470 -2.93 -18.19 -6.61
CA GLU A 470 -1.95 -17.52 -7.47
C GLU A 470 -1.89 -18.20 -8.82
N GLN A 471 -1.90 -19.55 -8.82
CA GLN A 471 -1.91 -20.27 -10.11
C GLN A 471 -3.13 -19.89 -10.92
N GLN A 472 -4.32 -19.72 -10.35
CA GLN A 472 -5.49 -19.30 -11.13
C GLN A 472 -5.30 -17.92 -11.76
N LEU A 473 -4.75 -16.99 -10.95
CA LEU A 473 -4.47 -15.64 -11.47
C LEU A 473 -3.48 -15.68 -12.61
N ASP A 474 -2.43 -16.50 -12.50
CA ASP A 474 -1.40 -16.68 -13.49
C ASP A 474 -1.95 -17.32 -14.76
N LYS A 475 -2.78 -18.33 -14.54
CA LYS A 475 -3.43 -19.02 -15.66
C LYS A 475 -4.27 -18.04 -16.45
N ASP A 476 -4.91 -17.09 -15.77
CA ASP A 476 -5.72 -16.08 -16.44
C ASP A 476 -4.92 -14.87 -16.89
N SER A 477 -3.66 -14.75 -16.55
CA SER A 477 -2.82 -13.61 -16.88
C SER A 477 -3.60 -12.35 -16.55
N ALA A 478 -4.08 -12.26 -15.30
CA ALA A 478 -4.82 -11.08 -14.87
C ALA A 478 -3.87 -9.88 -14.91
N ILE A 479 -2.63 -10.09 -14.50
CA ILE A 479 -1.62 -9.05 -14.49
C ILE A 479 -0.33 -9.46 -15.18
N VAL A 480 0.63 -8.55 -15.27
CA VAL A 480 1.97 -8.85 -15.74
C VAL A 480 2.92 -8.56 -14.57
N PRO A 481 3.28 -9.56 -13.81
CA PRO A 481 4.26 -9.46 -12.74
C PRO A 481 5.60 -9.03 -13.29
N VAL A 482 6.24 -8.06 -12.63
CA VAL A 482 7.52 -7.57 -13.11
C VAL A 482 8.62 -7.87 -12.11
N TYR A 483 8.57 -7.29 -10.91
CA TYR A 483 9.61 -7.62 -9.92
C TYR A 483 9.05 -7.47 -8.48
N TYR A 484 9.72 -8.07 -7.53
CA TYR A 484 9.33 -7.84 -6.12
C TYR A 484 10.28 -6.72 -5.69
N TYR A 485 9.71 -5.67 -5.09
CA TYR A 485 10.53 -4.55 -4.72
C TYR A 485 11.46 -4.87 -3.53
N VAL A 486 12.52 -4.05 -3.53
CA VAL A 486 13.34 -3.92 -2.35
C VAL A 486 13.00 -2.51 -1.84
N ASN A 487 13.12 -2.29 -0.55
CA ASN A 487 12.89 -0.93 -0.03
C ASN A 487 14.20 -0.14 -0.05
N ALA A 488 14.46 0.59 -1.13
CA ALA A 488 15.69 1.37 -1.27
C ALA A 488 15.42 2.88 -1.11
N ARG A 489 16.13 3.51 -0.19
CA ARG A 489 15.93 4.95 0.01
C ARG A 489 17.20 5.53 0.63
N LEU A 490 17.33 6.84 0.68
CA LEU A 490 18.47 7.43 1.37
C LEU A 490 18.00 8.01 2.71
N VAL A 491 18.76 7.83 3.77
CA VAL A 491 18.44 8.31 5.12
C VAL A 491 19.72 8.94 5.69
N LYS A 492 19.66 10.19 6.13
CA LYS A 492 20.91 10.84 6.61
C LYS A 492 21.40 10.08 7.82
N PRO A 493 22.70 10.15 8.08
CA PRO A 493 23.34 9.48 9.18
C PRO A 493 22.79 9.96 10.52
N TRP A 494 22.27 11.17 10.60
CA TRP A 494 21.76 11.71 11.86
C TRP A 494 20.33 11.33 12.13
N VAL A 495 19.67 10.59 11.25
CA VAL A 495 18.28 10.16 11.54
C VAL A 495 18.34 8.82 12.29
N GLY A 496 17.99 8.82 13.57
CA GLY A 496 17.98 7.57 14.34
C GLY A 496 16.58 6.96 14.41
N GLY A 497 16.49 5.68 14.70
CA GLY A 497 15.19 5.01 14.90
C GLY A 497 14.65 4.28 13.67
N TYR A 498 15.31 4.39 12.52
CA TYR A 498 14.81 3.70 11.32
C TYR A 498 15.65 2.43 11.09
N THR A 499 15.14 1.27 11.49
CA THR A 499 15.79 -0.01 11.41
C THR A 499 15.85 -0.61 10.02
N GLY A 500 14.76 -0.48 9.27
CA GLY A 500 14.65 -1.13 7.95
C GLY A 500 14.18 -2.57 8.16
N LYS A 501 13.85 -2.96 9.39
CA LYS A 501 13.42 -4.35 9.62
C LYS A 501 11.96 -4.61 9.31
N ASP A 502 11.14 -3.58 9.19
CA ASP A 502 9.74 -3.79 8.86
C ASP A 502 9.59 -3.93 7.36
N PRO A 503 9.18 -5.10 6.90
CA PRO A 503 8.95 -5.39 5.50
C PRO A 503 7.74 -4.64 4.94
N LEU A 504 6.91 -4.08 5.81
CA LEU A 504 5.78 -3.26 5.41
C LEU A 504 6.15 -1.77 5.40
N ASP A 505 7.30 -1.39 5.96
CA ASP A 505 7.76 -0.01 6.03
C ASP A 505 6.72 0.93 6.65
N ASN A 506 6.14 0.52 7.78
CA ASN A 506 5.13 1.31 8.50
C ASN A 506 5.85 2.26 9.46
N ILE A 507 6.49 3.28 8.92
CA ILE A 507 7.25 4.24 9.75
C ILE A 507 6.33 5.18 10.49
N TYR A 508 6.72 5.49 11.72
CA TYR A 508 6.02 6.46 12.55
C TYR A 508 7.09 7.51 12.89
N VAL A 509 6.85 8.76 12.58
CA VAL A 509 7.87 9.79 12.92
C VAL A 509 8.02 9.91 14.43
N LYS A 510 7.03 9.47 15.24
CA LYS A 510 7.20 9.49 16.70
C LYS A 510 8.30 8.58 17.21
N ASN A 511 8.78 7.63 16.41
CA ASN A 511 9.84 6.72 16.75
C ASN A 511 11.23 7.20 16.34
N LEU A 512 11.31 8.28 15.60
CA LEU A 512 12.62 8.73 15.09
C LEU A 512 13.23 9.81 16.00
N TYR A 513 14.48 10.17 15.72
CA TYR A 513 15.15 11.20 16.51
C TYR A 513 16.35 11.72 15.71
N ILE A 514 16.70 12.99 15.92
CA ILE A 514 17.81 13.60 15.20
C ILE A 514 19.06 13.63 16.10
N ILE A 515 20.07 12.93 15.63
CA ILE A 515 21.34 12.84 16.34
C ILE A 515 22.12 14.14 16.10
N LYS A 516 22.75 14.68 17.14
CA LYS A 516 23.51 15.91 16.95
C LYS A 516 24.56 15.71 15.86
N HIS A 517 24.64 16.66 14.94
CA HIS A 517 25.64 16.56 13.88
C HIS A 517 26.05 17.94 13.40
N LYS B 1 -1.76 -1.56 0.14
CA LYS B 1 -1.77 -0.14 -0.28
C LYS B 1 -1.04 0.05 -1.62
N LYS B 3 1.33 1.60 -4.47
CA LYS B 3 2.61 2.29 -4.54
C LYS B 3 2.95 2.67 -5.99
#